data_7VHD
#
_entry.id   7VHD
#
_cell.length_a   146.410
_cell.length_b   146.410
_cell.length_c   60.669
_cell.angle_alpha   90.000
_cell.angle_beta   90.000
_cell.angle_gamma   120.000
#
_symmetry.space_group_name_H-M   'P 61'
#
loop_
_entity.id
_entity.type
_entity.pdbx_description
1 polymer 'rRNA N-glycosylase'
2 polymer 'Shiga toxin 2 B subunit'
3 polymer ARG-ARG-ARG-ARG-ALA
4 non-polymer 3-PYRIDINIUM-1-YLPROPANE-1-SULFONATE
5 water water
#
loop_
_entity_poly.entity_id
_entity_poly.type
_entity_poly.pdbx_seq_one_letter_code
_entity_poly.pdbx_strand_id
1 'polypeptide(L)'
;REFTIDFSTQQSYVSSLNSIRTEISTPLEHISQGTTSVSVINHTPPGSYFAVDIRGLDVYQARFDHLRLIIEQNNLYVAG
FVNTATNTFYRFSDFTHISVPGVTTVSMTTDSSYTTLQRVAALERSGMQISRHSLVSSYLALMEFSGNTMTRDASRAVLR
FVTVTAEALRFRQIQREFRQALSETAPVYTMTPGDVDLTLNWGRISNVLPEYRGEDGVRVGRISFNNISAILGTVAVILN
CHHQGARSVRAVNEESQPECQITGDRPVIKINNTLWESNTAAAFLNRKSQFLYTTGK
;
A
2 'polypeptide(L)' ADCAKGKIEFSKYNEDDTFTVKVDGKEYWTSRWNLQPLLQSAQLTGMTVTIKSSTCESGSGFAEVQFNND B,C,D,E,F
3 'polypeptide(L)' RRRRA(NH2) G
#
# COMPACT_ATOMS: atom_id res chain seq x y z
N ARG A 1 -11.97 -7.84 -31.34
CA ARG A 1 -11.99 -6.47 -31.84
C ARG A 1 -10.58 -5.95 -32.07
N GLU A 2 -10.45 -5.05 -33.05
CA GLU A 2 -9.18 -4.48 -33.46
C GLU A 2 -9.26 -2.97 -33.33
N PHE A 3 -8.20 -2.37 -32.79
CA PHE A 3 -8.10 -0.93 -32.66
C PHE A 3 -6.73 -0.47 -33.13
N THR A 4 -6.65 0.74 -33.63
CA THR A 4 -5.38 1.35 -33.97
C THR A 4 -4.99 2.34 -32.87
N ILE A 5 -3.73 2.32 -32.48
CA ILE A 5 -3.17 3.44 -31.74
C ILE A 5 -2.18 4.14 -32.68
N ASP A 6 -2.52 5.35 -33.07
CA ASP A 6 -1.77 6.12 -34.05
C ASP A 6 -0.94 7.16 -33.32
N PHE A 7 0.39 7.03 -33.41
CA PHE A 7 1.33 7.92 -32.74
C PHE A 7 1.71 9.15 -33.57
N SER A 8 0.97 9.43 -34.65
CA SER A 8 1.37 10.53 -35.55
C SER A 8 1.46 11.86 -34.83
N THR A 9 0.43 12.19 -34.06
CA THR A 9 0.35 13.46 -33.36
C THR A 9 -0.24 13.21 -31.99
N GLN A 10 -0.18 14.23 -31.13
CA GLN A 10 -0.87 14.10 -29.85
C GLN A 10 -2.36 13.91 -30.06
N GLN A 11 -2.93 14.62 -31.03
CA GLN A 11 -4.35 14.46 -31.38
C GLN A 11 -4.65 13.01 -31.75
N SER A 12 -3.89 12.44 -32.69
CA SER A 12 -4.22 11.09 -33.13
C SER A 12 -4.02 10.07 -32.02
N TYR A 13 -2.99 10.28 -31.20
CA TYR A 13 -2.72 9.35 -30.10
C TYR A 13 -3.82 9.37 -29.05
N VAL A 14 -4.16 10.56 -28.55
CA VAL A 14 -5.23 10.67 -27.55
C VAL A 14 -6.56 10.21 -28.14
N SER A 15 -6.84 10.57 -29.40
CA SER A 15 -8.06 10.08 -30.04
C SER A 15 -8.12 8.55 -30.03
N SER A 16 -6.99 7.91 -30.37
CA SER A 16 -6.94 6.45 -30.39
C SER A 16 -7.25 5.87 -29.02
N LEU A 17 -6.60 6.41 -27.99
CA LEU A 17 -6.81 5.88 -26.64
C LEU A 17 -8.26 6.07 -26.23
N ASN A 18 -8.80 7.26 -26.47
CA ASN A 18 -10.18 7.52 -26.09
C ASN A 18 -11.14 6.56 -26.76
N SER A 19 -10.90 6.25 -28.04
CA SER A 19 -11.80 5.35 -28.76
C SER A 19 -11.76 3.96 -28.13
N ILE A 20 -10.56 3.48 -27.79
CA ILE A 20 -10.45 2.18 -27.13
C ILE A 20 -11.23 2.19 -25.83
N ARG A 21 -11.00 3.20 -25.00
CA ARG A 21 -11.68 3.25 -23.70
C ARG A 21 -13.19 3.23 -23.87
N THR A 22 -13.70 4.02 -24.81
CA THR A 22 -15.14 4.04 -25.04
C THR A 22 -15.66 2.66 -25.37
N GLU A 23 -14.92 1.91 -26.19
CA GLU A 23 -15.46 0.61 -26.60
C GLU A 23 -15.38 -0.42 -25.47
N ILE A 24 -14.36 -0.37 -24.63
CA ILE A 24 -14.11 -1.51 -23.74
C ILE A 24 -14.52 -1.26 -22.29
N SER A 25 -15.07 -0.08 -21.99
CA SER A 25 -15.30 0.28 -20.59
C SER A 25 -16.49 1.22 -20.48
N THR A 26 -16.98 1.38 -19.24
CA THR A 26 -18.18 2.16 -18.94
C THR A 26 -17.89 3.16 -17.83
N PRO A 27 -18.23 4.45 -18.00
CA PRO A 27 -17.88 5.44 -16.97
C PRO A 27 -18.51 5.13 -15.62
N LEU A 28 -17.76 5.43 -14.56
CA LEU A 28 -18.33 5.45 -13.22
C LEU A 28 -19.31 6.60 -13.10
N GLU A 29 -20.46 6.34 -12.48
CA GLU A 29 -21.46 7.40 -12.34
C GLU A 29 -20.87 8.61 -11.62
N HIS A 30 -20.05 8.38 -10.61
CA HIS A 30 -19.59 9.46 -9.74
C HIS A 30 -18.22 10.01 -10.10
N ILE A 31 -17.60 9.53 -11.17
CA ILE A 31 -16.33 10.12 -11.59
C ILE A 31 -16.36 10.31 -13.10
N SER A 32 -17.16 11.26 -13.56
CA SER A 32 -17.41 11.41 -14.99
C SER A 32 -17.77 12.86 -15.26
N GLN A 33 -17.09 13.47 -16.23
CA GLN A 33 -17.40 14.82 -16.68
C GLN A 33 -17.37 14.81 -18.21
N GLY A 34 -18.44 15.28 -18.84
CA GLY A 34 -18.49 15.17 -20.28
C GLY A 34 -18.29 13.72 -20.68
N THR A 35 -17.40 13.49 -21.62
CA THR A 35 -17.00 12.14 -22.00
C THR A 35 -15.60 11.79 -21.50
N THR A 36 -15.21 12.36 -20.37
CA THR A 36 -13.89 12.12 -19.75
C THR A 36 -14.17 11.57 -18.36
N SER A 37 -13.85 10.30 -18.14
N SER A 37 -13.82 10.30 -18.14
CA SER A 37 -14.24 9.65 -16.90
CA SER A 37 -14.21 9.67 -16.88
C SER A 37 -13.15 8.69 -16.42
C SER A 37 -13.12 8.74 -16.40
N VAL A 38 -13.35 8.17 -15.21
CA VAL A 38 -12.75 6.92 -14.81
C VAL A 38 -13.78 5.88 -15.19
N SER A 39 -13.40 4.93 -16.03
N SER A 39 -13.39 4.90 -16.00
CA SER A 39 -14.32 3.92 -16.52
CA SER A 39 -14.32 3.92 -16.52
C SER A 39 -13.92 2.56 -15.98
C SER A 39 -13.90 2.52 -16.09
N VAL A 40 -14.90 1.66 -15.92
CA VAL A 40 -14.70 0.28 -15.49
C VAL A 40 -14.72 -0.61 -16.71
N ILE A 41 -13.71 -1.47 -16.85
CA ILE A 41 -13.67 -2.39 -17.99
C ILE A 41 -14.89 -3.28 -17.98
N ASN A 42 -15.61 -3.32 -19.11
CA ASN A 42 -16.80 -4.15 -19.22
C ASN A 42 -16.42 -5.63 -19.11
N HIS A 43 -17.27 -6.41 -18.45
CA HIS A 43 -16.94 -7.81 -18.27
C HIS A 43 -16.87 -8.53 -19.61
N THR A 44 -15.80 -9.29 -19.81
CA THR A 44 -15.66 -10.22 -20.93
C THR A 44 -15.24 -11.55 -20.35
N PRO A 45 -15.50 -12.64 -21.06
CA PRO A 45 -15.11 -13.95 -20.56
C PRO A 45 -13.60 -14.04 -20.45
N PRO A 46 -13.09 -14.91 -19.57
CA PRO A 46 -11.65 -15.06 -19.44
C PRO A 46 -11.02 -15.52 -20.74
N GLY A 47 -9.89 -14.89 -21.10
CA GLY A 47 -9.21 -15.18 -22.34
C GLY A 47 -9.60 -14.29 -23.49
N SER A 48 -10.62 -13.46 -23.33
CA SER A 48 -10.96 -12.48 -24.36
C SER A 48 -9.85 -11.47 -24.50
N TYR A 49 -9.59 -11.06 -25.74
CA TYR A 49 -8.53 -10.10 -26.01
C TYR A 49 -9.02 -9.13 -27.08
N PHE A 50 -8.30 -8.02 -27.21
CA PHE A 50 -8.42 -7.16 -28.37
C PHE A 50 -7.03 -6.90 -28.92
N ALA A 51 -6.97 -6.58 -30.19
CA ALA A 51 -5.73 -6.33 -30.89
C ALA A 51 -5.53 -4.82 -31.03
N VAL A 52 -4.29 -4.38 -30.88
CA VAL A 52 -3.94 -2.98 -31.11
C VAL A 52 -2.92 -2.93 -32.24
N ASP A 53 -3.28 -2.31 -33.35
CA ASP A 53 -2.32 -2.07 -34.41
C ASP A 53 -1.57 -0.78 -34.13
N ILE A 54 -0.24 -0.84 -34.20
CA ILE A 54 0.60 0.33 -33.93
C ILE A 54 0.81 1.07 -35.24
N ARG A 55 0.47 2.36 -35.27
CA ARG A 55 0.59 3.16 -36.48
C ARG A 55 1.20 4.52 -36.14
N GLY A 56 1.67 5.20 -37.18
CA GLY A 56 2.09 6.58 -37.02
C GLY A 56 3.41 6.79 -36.31
N LEU A 57 4.23 5.75 -36.16
CA LEU A 57 5.57 5.95 -35.61
C LEU A 57 6.36 6.94 -36.45
N ASP A 58 6.24 6.83 -37.77
CA ASP A 58 6.66 7.87 -38.69
C ASP A 58 5.40 8.66 -39.03
N VAL A 59 5.36 9.92 -38.61
CA VAL A 59 4.15 10.75 -38.62
C VAL A 59 3.41 10.61 -39.94
N TYR A 60 2.20 10.07 -39.87
CA TYR A 60 1.23 10.00 -40.97
C TYR A 60 1.70 9.14 -42.14
N GLN A 61 2.71 8.28 -41.94
CA GLN A 61 3.28 7.48 -43.01
C GLN A 61 2.87 6.03 -42.84
N ALA A 62 2.51 5.39 -43.96
CA ALA A 62 2.17 3.96 -43.96
C ALA A 62 3.47 3.15 -44.03
N ARG A 63 4.20 3.20 -42.92
CA ARG A 63 5.39 2.35 -42.76
C ARG A 63 5.52 2.06 -41.28
N PHE A 64 6.46 1.16 -40.96
CA PHE A 64 6.58 0.68 -39.59
C PHE A 64 5.23 0.19 -39.09
N ASP A 65 4.54 -0.57 -39.93
CA ASP A 65 3.14 -0.84 -39.71
C ASP A 65 2.86 -2.33 -39.57
N HIS A 66 3.83 -3.09 -39.07
CA HIS A 66 3.66 -4.54 -38.93
C HIS A 66 3.58 -5.01 -37.49
N LEU A 67 3.51 -4.11 -36.53
CA LEU A 67 3.42 -4.47 -35.12
C LEU A 67 1.98 -4.39 -34.63
N ARG A 68 1.53 -5.47 -34.01
CA ARG A 68 0.24 -5.53 -33.35
C ARG A 68 0.45 -6.06 -31.94
N LEU A 69 -0.25 -5.48 -30.96
CA LEU A 69 -0.20 -5.97 -29.59
C LEU A 69 -1.47 -6.74 -29.30
N ILE A 70 -1.34 -7.84 -28.57
CA ILE A 70 -2.51 -8.60 -28.14
C ILE A 70 -2.73 -8.28 -26.68
N ILE A 71 -3.92 -7.79 -26.33
CA ILE A 71 -4.19 -7.25 -25.00
C ILE A 71 -5.36 -8.03 -24.42
N GLU A 72 -5.12 -8.67 -23.27
CA GLU A 72 -6.22 -9.35 -22.59
C GLU A 72 -7.20 -8.32 -22.07
N GLN A 73 -8.48 -8.49 -22.40
CA GLN A 73 -9.39 -7.37 -22.28
C GLN A 73 -9.72 -7.07 -20.82
N ASN A 74 -9.88 -8.11 -19.98
CA ASN A 74 -10.36 -7.86 -18.62
C ASN A 74 -9.34 -7.12 -17.76
N ASN A 75 -8.05 -7.19 -18.08
CA ASN A 75 -7.00 -6.65 -17.23
C ASN A 75 -6.04 -5.75 -17.97
N LEU A 76 -6.20 -5.58 -19.28
CA LEU A 76 -5.36 -4.72 -20.12
C LEU A 76 -3.90 -5.17 -20.13
N TYR A 77 -3.61 -6.43 -19.78
CA TYR A 77 -2.24 -6.91 -19.90
C TYR A 77 -1.90 -7.17 -21.36
N VAL A 78 -0.68 -6.81 -21.75
CA VAL A 78 -0.18 -7.22 -23.04
C VAL A 78 0.22 -8.68 -22.94
N ALA A 79 -0.46 -9.53 -23.73
CA ALA A 79 -0.20 -10.97 -23.71
C ALA A 79 0.93 -11.35 -24.64
N GLY A 80 1.33 -10.45 -25.52
CA GLY A 80 2.34 -10.72 -26.51
C GLY A 80 2.19 -9.75 -27.66
N PHE A 81 3.02 -9.97 -28.68
CA PHE A 81 3.04 -9.08 -29.84
C PHE A 81 3.05 -9.93 -31.11
N VAL A 82 2.43 -9.39 -32.15
CA VAL A 82 2.30 -10.02 -33.45
C VAL A 82 3.14 -9.25 -34.44
N ASN A 83 4.00 -9.98 -35.15
CA ASN A 83 4.64 -9.52 -36.39
C ASN A 83 3.68 -9.91 -37.50
N THR A 84 2.94 -8.92 -38.03
CA THR A 84 1.98 -9.21 -39.09
C THR A 84 2.65 -9.46 -40.43
N ALA A 85 3.94 -9.12 -40.57
CA ALA A 85 4.65 -9.49 -41.79
C ALA A 85 4.94 -10.99 -41.82
N THR A 86 5.37 -11.57 -40.69
CA THR A 86 5.59 -13.00 -40.62
C THR A 86 4.38 -13.76 -40.10
N ASN A 87 3.30 -13.07 -39.76
CA ASN A 87 2.09 -13.67 -39.20
C ASN A 87 2.42 -14.50 -37.95
N THR A 88 3.22 -13.93 -37.06
CA THR A 88 3.70 -14.66 -35.88
C THR A 88 3.33 -13.92 -34.60
N PHE A 89 2.71 -14.64 -33.67
CA PHE A 89 2.31 -14.13 -32.35
C PHE A 89 3.30 -14.66 -31.32
N TYR A 90 4.11 -13.76 -30.77
CA TYR A 90 5.04 -14.07 -29.68
C TYR A 90 4.30 -13.81 -28.37
N ARG A 91 4.03 -14.89 -27.64
CA ARG A 91 3.10 -14.88 -26.53
C ARG A 91 3.86 -15.15 -25.23
N PHE A 92 3.62 -14.31 -24.22
CA PHE A 92 4.32 -14.48 -22.96
C PHE A 92 3.84 -15.77 -22.26
N SER A 93 4.71 -16.31 -21.41
CA SER A 93 4.43 -17.60 -20.81
C SER A 93 3.22 -17.56 -19.87
N ASP A 94 2.86 -16.37 -19.38
CA ASP A 94 1.72 -16.26 -18.48
C ASP A 94 0.40 -16.04 -19.23
N PHE A 95 0.37 -16.28 -20.54
CA PHE A 95 -0.84 -16.08 -21.33
C PHE A 95 -1.10 -17.26 -22.23
N THR A 96 -0.80 -18.48 -21.76
CA THR A 96 -1.10 -19.65 -22.58
C THR A 96 -2.59 -19.86 -22.77
N HIS A 97 -3.44 -19.17 -21.99
CA HIS A 97 -4.88 -19.24 -22.18
C HIS A 97 -5.40 -18.29 -23.25
N ILE A 98 -4.54 -17.48 -23.86
CA ILE A 98 -4.93 -16.51 -24.89
C ILE A 98 -4.69 -17.15 -26.23
N SER A 99 -5.77 -17.47 -26.96
CA SER A 99 -5.67 -18.09 -28.27
C SER A 99 -6.06 -17.07 -29.33
N VAL A 100 -5.17 -16.87 -30.30
CA VAL A 100 -5.38 -15.94 -31.40
C VAL A 100 -5.47 -16.77 -32.69
N PRO A 101 -6.60 -16.77 -33.37
CA PRO A 101 -6.71 -17.57 -34.59
C PRO A 101 -5.91 -16.98 -35.74
N GLY A 102 -5.54 -17.85 -36.67
CA GLY A 102 -4.96 -17.43 -37.93
C GLY A 102 -3.48 -17.11 -37.90
N VAL A 103 -2.88 -17.02 -36.73
CA VAL A 103 -1.46 -16.69 -36.62
C VAL A 103 -0.71 -17.91 -36.14
N THR A 104 0.60 -17.93 -36.41
CA THR A 104 1.49 -18.90 -35.77
C THR A 104 1.80 -18.38 -34.36
N THR A 105 1.42 -19.14 -33.35
CA THR A 105 1.70 -18.76 -31.97
C THR A 105 3.04 -19.35 -31.55
N VAL A 106 3.96 -18.48 -31.15
CA VAL A 106 5.22 -18.87 -30.53
C VAL A 106 5.05 -18.68 -29.02
N SER A 107 5.00 -19.79 -28.28
CA SER A 107 4.89 -19.73 -26.83
C SER A 107 6.26 -19.50 -26.23
N MET A 108 6.39 -18.43 -25.46
CA MET A 108 7.69 -17.96 -25.04
C MET A 108 8.00 -18.51 -23.65
N THR A 109 9.28 -18.68 -23.36
CA THR A 109 9.69 -19.04 -22.00
C THR A 109 9.57 -17.86 -21.04
N THR A 110 9.63 -16.65 -21.57
CA THR A 110 9.63 -15.44 -20.76
C THR A 110 8.22 -15.10 -20.31
N ASP A 111 8.06 -14.78 -19.02
CA ASP A 111 6.79 -14.26 -18.54
C ASP A 111 6.77 -12.73 -18.65
N SER A 112 5.57 -12.16 -18.56
CA SER A 112 5.36 -10.75 -18.84
C SER A 112 5.51 -9.85 -17.62
N SER A 113 5.91 -10.38 -16.45
CA SER A 113 6.00 -9.52 -15.29
C SER A 113 7.00 -8.39 -15.53
N TYR A 114 6.72 -7.23 -14.92
CA TYR A 114 7.70 -6.15 -15.00
C TYR A 114 9.04 -6.56 -14.41
N THR A 115 9.03 -7.38 -13.34
CA THR A 115 10.29 -7.84 -12.78
C THR A 115 11.14 -8.56 -13.81
N THR A 116 10.54 -9.55 -14.48
CA THR A 116 11.25 -10.28 -15.52
C THR A 116 11.69 -9.35 -16.64
N LEU A 117 10.76 -8.52 -17.14
CA LEU A 117 11.08 -7.73 -18.31
C LEU A 117 12.21 -6.76 -18.02
N GLN A 118 12.16 -6.09 -16.87
CA GLN A 118 13.22 -5.18 -16.49
C GLN A 118 14.55 -5.91 -16.35
N ARG A 119 14.53 -7.12 -15.79
CA ARG A 119 15.77 -7.89 -15.68
C ARG A 119 16.34 -8.20 -17.06
N VAL A 120 15.53 -8.78 -17.94
CA VAL A 120 16.04 -9.18 -19.26
C VAL A 120 16.45 -7.94 -20.04
N ALA A 121 15.72 -6.84 -19.88
CA ALA A 121 16.00 -5.62 -20.60
C ALA A 121 17.18 -4.85 -20.05
N ALA A 122 17.62 -5.17 -18.83
CA ALA A 122 18.62 -4.36 -18.14
C ALA A 122 18.19 -2.90 -18.18
N LEU A 123 16.92 -2.67 -17.84
CA LEU A 123 16.33 -1.35 -17.93
C LEU A 123 15.27 -1.24 -16.86
N GLU A 124 15.44 -0.31 -15.93
CA GLU A 124 14.41 -0.03 -14.93
C GLU A 124 13.40 0.95 -15.49
N ARG A 125 12.12 0.74 -15.13
CA ARG A 125 11.07 1.64 -15.63
C ARG A 125 11.20 3.03 -15.02
N SER A 126 11.60 3.12 -13.76
CA SER A 126 11.77 4.43 -13.14
C SER A 126 12.98 5.11 -13.77
N GLY A 127 12.75 6.20 -14.51
CA GLY A 127 13.79 6.85 -15.27
C GLY A 127 13.89 6.41 -16.72
N MET A 128 13.14 5.38 -17.12
CA MET A 128 12.99 5.00 -18.52
C MET A 128 12.67 6.19 -19.40
N GLN A 129 13.43 6.35 -20.48
CA GLN A 129 13.13 7.37 -21.47
C GLN A 129 12.40 6.76 -22.66
N ILE A 130 11.38 7.46 -23.16
CA ILE A 130 10.64 7.06 -24.35
C ILE A 130 10.51 8.28 -25.25
N SER A 131 10.85 8.11 -26.52
CA SER A 131 10.72 9.16 -27.51
C SER A 131 10.15 8.51 -28.76
N ARG A 132 9.73 9.35 -29.70
CA ARG A 132 9.37 8.79 -31.00
C ARG A 132 10.52 7.95 -31.53
N HIS A 133 11.74 8.44 -31.41
CA HIS A 133 12.90 7.71 -31.92
C HIS A 133 13.03 6.34 -31.27
N SER A 134 12.89 6.27 -29.95
CA SER A 134 13.05 4.97 -29.31
C SER A 134 11.83 4.08 -29.51
N LEU A 135 10.67 4.63 -29.83
CA LEU A 135 9.56 3.78 -30.25
C LEU A 135 9.82 3.18 -31.61
N VAL A 136 10.45 3.93 -32.52
CA VAL A 136 10.83 3.34 -33.80
C VAL A 136 11.88 2.25 -33.57
N SER A 137 12.88 2.52 -32.72
CA SER A 137 13.87 1.49 -32.42
C SER A 137 13.22 0.27 -31.79
N SER A 138 12.24 0.48 -30.92
CA SER A 138 11.52 -0.62 -30.30
C SER A 138 10.77 -1.44 -31.33
N TYR A 139 10.11 -0.75 -32.26
CA TYR A 139 9.40 -1.43 -33.32
C TYR A 139 10.35 -2.31 -34.12
N LEU A 140 11.50 -1.76 -34.51
CA LEU A 140 12.45 -2.53 -35.31
C LEU A 140 12.97 -3.73 -34.53
N ALA A 141 13.25 -3.55 -33.23
CA ALA A 141 13.68 -4.66 -32.40
C ALA A 141 12.63 -5.76 -32.37
N LEU A 142 11.35 -5.39 -32.24
CA LEU A 142 10.32 -6.41 -32.16
C LEU A 142 10.11 -7.10 -33.49
N MET A 143 10.36 -6.40 -34.61
CA MET A 143 10.17 -7.10 -35.86
C MET A 143 11.39 -7.93 -36.24
N GLU A 144 12.55 -7.62 -35.68
CA GLU A 144 13.71 -8.47 -35.84
C GLU A 144 13.68 -9.67 -34.89
N PHE A 145 12.89 -9.59 -33.82
CA PHE A 145 12.88 -10.65 -32.83
C PHE A 145 12.40 -11.97 -33.42
N SER A 146 13.06 -13.05 -33.03
CA SER A 146 12.65 -14.39 -33.38
C SER A 146 12.97 -15.30 -32.20
N GLY A 147 12.25 -16.42 -32.12
CA GLY A 147 12.51 -17.40 -31.08
C GLY A 147 11.52 -17.34 -29.94
N ASN A 148 11.72 -18.27 -28.99
CA ASN A 148 10.83 -18.48 -27.84
C ASN A 148 11.31 -17.77 -26.57
N THR A 149 12.40 -17.03 -26.60
CA THR A 149 12.94 -16.42 -25.39
C THR A 149 13.24 -14.95 -25.66
N MET A 150 12.63 -14.06 -24.89
CA MET A 150 12.81 -12.63 -25.02
C MET A 150 14.29 -12.26 -24.91
N THR A 151 14.77 -11.43 -25.83
CA THR A 151 16.11 -10.86 -25.77
C THR A 151 16.06 -9.52 -25.04
N ARG A 152 17.25 -8.97 -24.78
CA ARG A 152 17.31 -7.68 -24.09
C ARG A 152 16.58 -6.59 -24.87
N ASP A 153 16.85 -6.49 -26.18
CA ASP A 153 16.26 -5.40 -26.95
C ASP A 153 14.76 -5.60 -27.14
N ALA A 154 14.31 -6.84 -27.29
CA ALA A 154 12.88 -7.07 -27.39
C ALA A 154 12.19 -6.73 -26.07
N SER A 155 12.84 -7.01 -24.95
CA SER A 155 12.26 -6.67 -23.65
C SER A 155 12.20 -5.16 -23.45
N ARG A 156 13.26 -4.44 -23.85
CA ARG A 156 13.20 -2.98 -23.79
C ARG A 156 12.05 -2.43 -24.64
N ALA A 157 11.87 -3.01 -25.83
CA ALA A 157 10.79 -2.58 -26.71
C ALA A 157 9.43 -2.80 -26.06
N VAL A 158 9.25 -3.96 -25.42
CA VAL A 158 7.96 -4.23 -24.79
C VAL A 158 7.73 -3.29 -23.61
N LEU A 159 8.78 -3.02 -22.82
CA LEU A 159 8.62 -2.06 -21.73
C LEU A 159 8.13 -0.71 -22.25
N ARG A 160 8.73 -0.23 -23.34
CA ARG A 160 8.32 1.06 -23.88
C ARG A 160 6.90 1.02 -24.45
N PHE A 161 6.58 -0.01 -25.24
CA PHE A 161 5.26 -0.04 -25.89
C PHE A 161 4.15 -0.31 -24.87
N VAL A 162 4.40 -1.15 -23.85
CA VAL A 162 3.38 -1.36 -22.84
C VAL A 162 3.11 -0.06 -22.10
N THR A 163 4.16 0.73 -21.82
CA THR A 163 3.94 1.98 -21.10
C THR A 163 3.04 2.91 -21.90
N VAL A 164 3.31 3.06 -23.20
CA VAL A 164 2.58 4.07 -23.96
C VAL A 164 1.27 3.54 -24.56
N THR A 165 0.97 2.26 -24.38
CA THR A 165 -0.34 1.76 -24.81
C THR A 165 -1.18 1.39 -23.60
N ALA A 166 -0.97 0.20 -23.03
CA ALA A 166 -1.82 -0.28 -21.94
C ALA A 166 -1.75 0.63 -20.71
N GLU A 167 -0.55 1.05 -20.30
CA GLU A 167 -0.49 1.87 -19.09
C GLU A 167 -1.09 3.26 -19.32
N ALA A 168 -0.95 3.81 -20.52
CA ALA A 168 -1.63 5.07 -20.85
C ALA A 168 -3.14 4.90 -20.93
N LEU A 169 -3.63 3.75 -21.41
CA LEU A 169 -5.06 3.48 -21.38
C LEU A 169 -5.58 3.53 -19.95
N ARG A 170 -4.84 2.92 -19.03
CA ARG A 170 -5.24 2.94 -17.62
C ARG A 170 -5.15 4.33 -17.02
N PHE A 171 -4.07 5.07 -17.31
CA PHE A 171 -3.74 6.29 -16.59
C PHE A 171 -3.65 7.47 -17.54
N ARG A 172 -4.65 8.36 -17.44
CA ARG A 172 -4.60 9.63 -18.14
C ARG A 172 -3.33 10.41 -17.79
N GLN A 173 -2.76 10.19 -16.60
CA GLN A 173 -1.52 10.88 -16.26
C GLN A 173 -0.40 10.48 -17.22
N ILE A 174 -0.30 9.19 -17.52
CA ILE A 174 0.74 8.72 -18.41
C ILE A 174 0.43 9.14 -19.83
N GLN A 175 -0.84 9.07 -20.23
CA GLN A 175 -1.23 9.62 -21.54
C GLN A 175 -0.74 11.06 -21.70
N ARG A 176 -1.02 11.91 -20.69
CA ARG A 176 -0.69 13.32 -20.78
C ARG A 176 0.80 13.56 -20.81
N GLU A 177 1.55 12.88 -19.93
N GLU A 177 1.54 12.86 -19.94
CA GLU A 177 2.99 13.09 -19.89
CA GLU A 177 2.98 13.08 -19.87
C GLU A 177 3.67 12.57 -21.15
C GLU A 177 3.71 12.54 -21.08
N PHE A 178 3.34 11.34 -21.56
CA PHE A 178 4.04 10.78 -22.71
C PHE A 178 3.72 11.54 -23.98
N ARG A 179 2.48 12.01 -24.14
CA ARG A 179 2.09 12.53 -25.45
C ARG A 179 2.93 13.73 -25.89
N GLN A 180 3.56 14.46 -24.95
CA GLN A 180 4.46 15.53 -25.36
C GLN A 180 5.57 15.06 -26.28
N ALA A 181 6.03 13.81 -26.10
CA ALA A 181 7.09 13.27 -26.94
C ALA A 181 6.69 13.18 -28.42
N LEU A 182 5.40 13.21 -28.71
CA LEU A 182 4.92 13.08 -30.09
C LEU A 182 4.90 14.40 -30.84
N SER A 183 5.13 15.50 -30.15
CA SER A 183 5.06 16.81 -30.78
C SER A 183 6.27 17.02 -31.69
N GLU A 184 6.18 18.06 -32.53
CA GLU A 184 7.25 18.35 -33.47
C GLU A 184 8.57 18.61 -32.75
N THR A 185 8.52 19.14 -31.52
CA THR A 185 9.74 19.32 -30.75
C THR A 185 10.45 18.00 -30.50
N ALA A 186 9.69 16.90 -30.50
CA ALA A 186 10.21 15.57 -30.18
C ALA A 186 11.00 15.55 -28.87
N PRO A 187 10.42 16.00 -27.76
CA PRO A 187 11.11 15.88 -26.48
C PRO A 187 11.14 14.42 -26.03
N VAL A 188 11.83 14.15 -24.92
CA VAL A 188 11.86 12.82 -24.34
C VAL A 188 10.87 12.78 -23.18
N TYR A 189 10.06 11.73 -23.14
CA TYR A 189 9.25 11.42 -21.97
C TYR A 189 10.13 10.60 -21.03
N THR A 190 10.19 10.99 -19.76
CA THR A 190 10.88 10.17 -18.75
C THR A 190 9.85 9.67 -17.77
N MET A 191 9.70 8.35 -17.70
CA MET A 191 8.81 7.75 -16.73
C MET A 191 9.29 8.04 -15.33
N THR A 192 8.40 8.58 -14.51
CA THR A 192 8.72 9.01 -13.17
C THR A 192 8.44 7.91 -12.15
N PRO A 193 9.02 8.03 -10.95
CA PRO A 193 8.63 7.12 -9.88
C PRO A 193 7.15 7.18 -9.59
N GLY A 194 6.54 8.37 -9.72
CA GLY A 194 5.10 8.47 -9.54
C GLY A 194 4.33 7.72 -10.60
N ASP A 195 4.75 7.83 -11.86
CA ASP A 195 4.15 7.01 -12.92
C ASP A 195 4.24 5.53 -12.58
N VAL A 196 5.43 5.09 -12.18
CA VAL A 196 5.64 3.68 -11.85
C VAL A 196 4.70 3.26 -10.71
N ASP A 197 4.68 4.03 -9.63
CA ASP A 197 3.78 3.73 -8.51
C ASP A 197 2.34 3.61 -8.96
N LEU A 198 1.89 4.51 -9.83
CA LEU A 198 0.53 4.40 -10.34
C LEU A 198 0.31 3.02 -10.96
N THR A 199 1.22 2.60 -11.85
CA THR A 199 1.00 1.31 -12.51
C THR A 199 1.00 0.18 -11.50
N LEU A 200 1.82 0.28 -10.46
CA LEU A 200 1.86 -0.81 -9.48
C LEU A 200 0.64 -0.83 -8.59
N ASN A 201 -0.09 0.29 -8.50
CA ASN A 201 -1.24 0.37 -7.61
C ASN A 201 -2.56 0.29 -8.35
N TRP A 202 -2.56 -0.19 -9.59
CA TRP A 202 -3.77 -0.12 -10.42
C TRP A 202 -4.89 -0.98 -9.84
N GLY A 203 -4.58 -2.23 -9.46
CA GLY A 203 -5.60 -3.06 -8.83
C GLY A 203 -6.17 -2.43 -7.55
N ARG A 204 -5.30 -1.90 -6.70
CA ARG A 204 -5.77 -1.31 -5.46
C ARG A 204 -6.67 -0.10 -5.74
N ILE A 205 -6.24 0.76 -6.65
CA ILE A 205 -7.04 1.91 -7.07
C ILE A 205 -8.38 1.44 -7.59
N SER A 206 -8.36 0.37 -8.40
CA SER A 206 -9.58 -0.16 -9.01
C SER A 206 -10.56 -0.63 -7.96
N ASN A 207 -10.06 -1.16 -6.85
CA ASN A 207 -10.96 -1.60 -5.80
C ASN A 207 -11.54 -0.42 -5.04
N VAL A 208 -10.85 0.72 -5.02
CA VAL A 208 -11.31 1.82 -4.18
C VAL A 208 -12.22 2.79 -4.91
N LEU A 209 -11.89 3.18 -6.14
CA LEU A 209 -12.64 4.25 -6.79
C LEU A 209 -14.13 3.97 -7.02
N PRO A 210 -14.62 2.74 -7.22
CA PRO A 210 -16.06 2.55 -7.33
C PRO A 210 -16.85 3.00 -6.11
N GLU A 211 -16.19 3.13 -4.95
CA GLU A 211 -16.83 3.57 -3.71
C GLU A 211 -16.85 5.08 -3.54
N TYR A 212 -16.09 5.81 -4.35
CA TYR A 212 -16.00 7.27 -4.23
C TYR A 212 -17.37 7.91 -4.43
N ARG A 213 -17.73 8.81 -3.52
CA ARG A 213 -18.98 9.57 -3.58
C ARG A 213 -18.72 11.04 -3.31
N GLY A 214 -17.63 11.56 -3.86
CA GLY A 214 -17.34 12.97 -3.72
C GLY A 214 -16.60 13.35 -2.46
N GLU A 215 -15.94 12.41 -1.79
CA GLU A 215 -15.13 12.75 -0.63
C GLU A 215 -14.04 13.75 -1.02
N ASP A 216 -13.55 14.49 -0.03
CA ASP A 216 -12.51 15.47 -0.31
C ASP A 216 -11.21 14.84 -0.80
N GLY A 217 -11.00 13.57 -0.52
CA GLY A 217 -9.77 12.96 -0.98
C GLY A 217 -9.89 11.45 -1.02
N VAL A 218 -8.89 10.84 -1.66
CA VAL A 218 -8.78 9.40 -1.82
C VAL A 218 -7.34 9.03 -1.52
N ARG A 219 -7.15 8.01 -0.68
CA ARG A 219 -5.81 7.57 -0.30
C ARG A 219 -5.76 6.08 -0.50
N VAL A 220 -4.84 5.62 -1.35
CA VAL A 220 -4.66 4.22 -1.67
C VAL A 220 -3.16 3.95 -1.57
N GLY A 221 -2.73 3.38 -0.46
CA GLY A 221 -1.30 3.22 -0.24
C GLY A 221 -0.54 4.52 -0.43
N ARG A 222 0.41 4.53 -1.37
CA ARG A 222 1.22 5.71 -1.63
C ARG A 222 0.53 6.75 -2.51
N ILE A 223 -0.67 6.46 -2.99
CA ILE A 223 -1.37 7.28 -3.98
C ILE A 223 -2.35 8.17 -3.24
N SER A 224 -2.37 9.46 -3.59
CA SER A 224 -3.31 10.40 -3.01
C SER A 224 -3.94 11.24 -4.11
N PHE A 225 -5.26 11.41 -4.03
CA PHE A 225 -6.00 12.31 -4.90
C PHE A 225 -6.76 13.29 -4.02
N ASN A 226 -6.71 14.58 -4.36
CA ASN A 226 -7.29 15.59 -3.49
C ASN A 226 -8.60 16.17 -3.97
N ASN A 227 -9.05 15.80 -5.17
CA ASN A 227 -10.27 16.35 -5.75
C ASN A 227 -10.56 15.58 -7.03
N ILE A 228 -11.74 15.82 -7.58
CA ILE A 228 -12.14 15.05 -8.76
C ILE A 228 -11.22 15.37 -9.94
N SER A 229 -10.74 16.61 -10.06
CA SER A 229 -9.84 16.91 -11.17
C SER A 229 -8.54 16.12 -11.06
N ALA A 230 -8.05 15.91 -9.84
CA ALA A 230 -6.87 15.06 -9.67
C ALA A 230 -7.17 13.62 -10.06
N ILE A 231 -8.33 13.11 -9.65
CA ILE A 231 -8.68 11.74 -10.04
C ILE A 231 -8.74 11.62 -11.55
N LEU A 232 -9.48 12.52 -12.21
CA LEU A 232 -9.69 12.43 -13.65
C LEU A 232 -8.39 12.70 -14.42
N GLY A 233 -7.55 13.60 -13.91
CA GLY A 233 -6.28 13.85 -14.54
C GLY A 233 -5.31 12.70 -14.41
N THR A 234 -5.57 11.78 -13.48
CA THR A 234 -4.63 10.68 -13.25
C THR A 234 -5.11 9.35 -13.83
N VAL A 235 -6.36 8.97 -13.56
CA VAL A 235 -6.88 7.63 -13.83
C VAL A 235 -7.92 7.71 -14.93
N ALA A 236 -7.86 6.78 -15.88
CA ALA A 236 -8.88 6.70 -16.93
C ALA A 236 -9.65 5.39 -16.94
N VAL A 237 -9.00 4.25 -16.71
CA VAL A 237 -9.66 2.95 -16.81
C VAL A 237 -9.23 2.09 -15.63
N ILE A 238 -10.21 1.45 -14.96
CA ILE A 238 -9.92 0.57 -13.84
C ILE A 238 -10.52 -0.81 -14.09
N LEU A 239 -10.00 -1.77 -13.34
CA LEU A 239 -10.55 -3.12 -13.36
C LEU A 239 -12.00 -3.13 -12.88
N ASN A 240 -12.71 -4.15 -13.31
CA ASN A 240 -14.06 -4.43 -12.85
C ASN A 240 -13.95 -5.23 -11.56
N CYS A 241 -14.17 -4.56 -10.44
CA CYS A 241 -14.06 -5.20 -9.13
C CYS A 241 -15.47 -5.46 -8.57
N GLN A 257 -12.01 -9.66 -10.61
CA GLN A 257 -10.62 -9.87 -10.97
C GLN A 257 -9.76 -10.02 -9.71
N PRO A 258 -8.79 -10.94 -9.74
CA PRO A 258 -7.99 -11.19 -8.53
C PRO A 258 -7.18 -9.99 -8.07
N GLU A 259 -6.69 -9.18 -9.01
CA GLU A 259 -5.97 -7.97 -8.67
C GLU A 259 -6.80 -7.00 -7.84
N CYS A 260 -8.12 -7.21 -7.74
CA CYS A 260 -8.91 -6.27 -6.94
C CYS A 260 -8.66 -6.44 -5.45
N GLN A 261 -8.24 -7.62 -5.00
CA GLN A 261 -8.26 -7.88 -3.58
C GLN A 261 -6.90 -8.36 -3.14
N ILE A 262 -6.41 -7.83 -2.03
CA ILE A 262 -5.18 -8.30 -1.41
C ILE A 262 -5.48 -9.22 -0.25
N THR A 263 -6.29 -8.73 0.67
CA THR A 263 -6.68 -9.45 1.87
C THR A 263 -7.89 -8.74 2.44
N GLY A 264 -8.65 -9.44 3.27
CA GLY A 264 -9.82 -8.81 3.86
C GLY A 264 -10.95 -8.66 2.87
N ASP A 265 -11.97 -7.93 3.29
CA ASP A 265 -13.15 -7.77 2.44
C ASP A 265 -13.75 -6.38 2.54
N ARG A 266 -13.00 -5.40 3.03
CA ARG A 266 -13.52 -4.04 3.21
C ARG A 266 -12.80 -3.12 2.24
N PRO A 267 -13.42 -2.70 1.15
CA PRO A 267 -12.69 -1.84 0.21
C PRO A 267 -12.20 -0.55 0.82
N VAL A 268 -13.02 0.15 1.61
CA VAL A 268 -12.68 1.51 2.02
C VAL A 268 -13.14 1.78 3.45
N ILE A 269 -12.49 2.77 4.03
CA ILE A 269 -12.90 3.44 5.25
C ILE A 269 -12.92 4.93 4.99
N LYS A 270 -14.05 5.58 5.29
CA LYS A 270 -14.10 7.04 5.25
C LYS A 270 -13.60 7.60 6.58
N ILE A 271 -12.52 8.38 6.52
CA ILE A 271 -11.90 8.99 7.70
C ILE A 271 -11.72 10.48 7.41
N ASN A 272 -12.41 11.33 8.17
CA ASN A 272 -12.26 12.78 8.03
C ASN A 272 -12.42 13.20 6.58
N ASN A 273 -13.52 12.75 5.98
N ASN A 273 -13.49 12.70 5.96
CA ASN A 273 -13.90 13.06 4.59
CA ASN A 273 -13.91 13.08 4.63
C ASN A 273 -12.77 12.77 3.62
C ASN A 273 -12.93 12.63 3.55
N THR A 274 -12.04 11.69 3.88
CA THR A 274 -11.11 11.11 2.93
C THR A 274 -11.44 9.63 2.80
N LEU A 275 -11.50 9.14 1.58
CA LEU A 275 -11.75 7.73 1.31
C LEU A 275 -10.43 6.98 1.33
N TRP A 276 -10.22 6.14 2.35
CA TRP A 276 -9.00 5.35 2.49
C TRP A 276 -9.23 3.92 2.02
N GLU A 277 -8.27 3.39 1.28
CA GLU A 277 -8.16 1.94 1.18
C GLU A 277 -8.03 1.37 2.59
N SER A 278 -8.95 0.47 2.96
N SER A 278 -8.96 0.48 2.95
CA SER A 278 -8.97 0.01 4.35
CA SER A 278 -8.99 -0.04 4.32
C SER A 278 -7.66 -0.66 4.73
C SER A 278 -7.66 -0.65 4.71
N ASN A 279 -7.05 -1.40 3.79
CA ASN A 279 -5.81 -2.10 4.11
C ASN A 279 -4.67 -1.13 4.41
N THR A 280 -4.67 0.06 3.80
CA THR A 280 -3.64 1.05 4.12
C THR A 280 -3.77 1.53 5.58
N ALA A 281 -5.00 1.88 5.97
CA ALA A 281 -5.22 2.29 7.36
C ALA A 281 -4.85 1.16 8.31
N ALA A 282 -5.29 -0.06 8.00
CA ALA A 282 -4.96 -1.21 8.83
C ALA A 282 -3.47 -1.36 9.00
N ALA A 283 -2.71 -1.06 7.94
CA ALA A 283 -1.27 -1.29 7.95
C ALA A 283 -0.50 -0.24 8.73
N PHE A 284 -1.12 0.90 9.07
CA PHE A 284 -0.47 1.74 10.08
C PHE A 284 -1.20 1.81 11.42
N LEU A 285 -2.29 1.07 11.60
CA LEU A 285 -3.01 1.00 12.87
C LEU A 285 -2.80 -0.33 13.56
N ASN A 286 -1.79 -1.09 13.17
CA ASN A 286 -1.51 -2.40 13.75
C ASN A 286 -0.28 -2.39 14.64
N ARG A 287 0.13 -1.21 15.12
CA ARG A 287 1.30 -1.09 15.98
C ARG A 287 0.87 -1.17 17.44
N LYS A 288 1.67 -1.84 18.26
CA LYS A 288 1.39 -1.82 19.69
C LYS A 288 2.02 -0.58 20.32
N SER A 289 1.91 -0.49 21.64
CA SER A 289 2.51 0.63 22.35
C SER A 289 3.98 0.76 22.01
N GLN A 290 4.39 1.98 21.65
CA GLN A 290 5.74 2.20 21.13
C GLN A 290 6.81 1.84 22.15
N PHE A 291 6.64 2.27 23.41
CA PHE A 291 7.65 1.96 24.42
C PHE A 291 7.84 0.44 24.58
N LEU A 292 6.74 -0.30 24.59
CA LEU A 292 6.79 -1.76 24.69
C LEU A 292 7.43 -2.37 23.45
N TYR A 293 7.10 -1.83 22.28
CA TYR A 293 7.70 -2.33 21.04
C TYR A 293 9.21 -2.19 21.06
N THR A 294 9.68 -0.99 21.34
CA THR A 294 11.10 -0.71 21.20
C THR A 294 11.93 -1.38 22.30
N THR A 295 11.38 -1.51 23.50
CA THR A 295 12.15 -2.14 24.56
C THR A 295 12.02 -3.66 24.56
N GLY A 296 11.02 -4.22 23.86
CA GLY A 296 10.88 -5.66 23.84
C GLY A 296 11.68 -6.29 22.72
N LYS A 297 13.00 -6.26 22.84
CA LYS A 297 13.89 -6.71 21.77
C LYS A 297 14.17 -8.20 21.81
N ALA B 1 -20.27 -4.05 34.29
CA ALA B 1 -21.32 -3.24 33.70
C ALA B 1 -20.84 -2.56 32.42
N ASP B 2 -21.74 -2.34 31.48
CA ASP B 2 -21.44 -1.59 30.26
C ASP B 2 -21.52 -0.11 30.60
N CYS B 3 -20.37 0.52 30.83
CA CYS B 3 -20.35 1.92 31.24
C CYS B 3 -20.77 2.83 30.12
N ALA B 4 -20.29 2.54 28.92
CA ALA B 4 -20.62 3.44 27.82
C ALA B 4 -20.51 2.67 26.52
N LYS B 5 -21.37 3.02 25.56
CA LYS B 5 -21.33 2.41 24.25
C LYS B 5 -21.50 3.48 23.18
N GLY B 6 -20.60 3.50 22.22
CA GLY B 6 -20.73 4.44 21.12
C GLY B 6 -19.40 4.69 20.43
N LYS B 7 -19.38 5.74 19.62
CA LYS B 7 -18.16 6.15 18.95
C LYS B 7 -17.32 7.00 19.87
N ILE B 8 -16.01 6.95 19.65
CA ILE B 8 -15.09 7.79 20.42
C ILE B 8 -15.16 9.21 19.87
N GLU B 9 -15.63 10.14 20.71
CA GLU B 9 -15.79 11.54 20.33
C GLU B 9 -14.46 12.27 20.36
N PHE B 10 -13.59 11.92 21.30
CA PHE B 10 -12.20 12.37 21.24
C PHE B 10 -11.37 11.41 22.07
N SER B 11 -10.06 11.43 21.84
CA SER B 11 -9.17 10.67 22.70
C SER B 11 -8.09 11.63 23.18
N LYS B 12 -7.39 11.28 24.25
CA LYS B 12 -6.38 12.20 24.78
C LYS B 12 -5.31 11.43 25.51
N TYR B 13 -4.05 11.70 25.14
CA TYR B 13 -2.91 11.21 25.88
C TYR B 13 -2.64 12.20 27.01
N ASN B 14 -2.55 11.70 28.23
CA ASN B 14 -2.42 12.53 29.42
C ASN B 14 -0.99 12.53 29.95
N GLU B 15 -0.68 13.59 30.71
CA GLU B 15 0.69 13.75 31.21
C GLU B 15 1.12 12.62 32.12
N ASP B 16 0.17 11.90 32.72
CA ASP B 16 0.54 10.79 33.59
C ASP B 16 0.61 9.47 32.82
N ASP B 17 0.63 9.54 31.49
CA ASP B 17 0.70 8.41 30.57
C ASP B 17 -0.54 7.55 30.61
N THR B 18 -1.65 8.06 31.15
CA THR B 18 -2.93 7.42 30.92
C THR B 18 -3.54 7.96 29.63
N PHE B 19 -4.70 7.44 29.28
CA PHE B 19 -5.32 7.74 28.00
C PHE B 19 -6.82 7.87 28.23
N THR B 20 -7.39 8.98 27.79
CA THR B 20 -8.79 9.29 27.99
C THR B 20 -9.54 9.16 26.67
N VAL B 21 -10.75 8.61 26.74
CA VAL B 21 -11.67 8.66 25.61
C VAL B 21 -13.01 9.20 26.12
N LYS B 22 -13.68 9.94 25.25
CA LYS B 22 -15.05 10.36 25.49
C LYS B 22 -15.98 9.49 24.66
N VAL B 23 -16.92 8.82 25.31
CA VAL B 23 -17.87 7.94 24.64
C VAL B 23 -19.26 8.27 25.16
N ASP B 24 -20.20 8.49 24.24
CA ASP B 24 -21.58 8.79 24.61
C ASP B 24 -21.64 9.89 25.67
N GLY B 25 -20.83 10.92 25.47
CA GLY B 25 -20.86 12.09 26.32
C GLY B 25 -20.17 11.96 27.64
N LYS B 26 -19.51 10.83 27.94
CA LYS B 26 -18.84 10.65 29.22
C LYS B 26 -17.36 10.36 29.01
N GLU B 27 -16.51 10.85 29.90
CA GLU B 27 -15.08 10.62 29.78
C GLU B 27 -14.63 9.48 30.68
N TYR B 28 -13.74 8.65 30.14
CA TYR B 28 -13.17 7.52 30.85
C TYR B 28 -11.69 7.47 30.55
N TRP B 29 -10.90 6.95 31.49
CA TRP B 29 -9.48 6.87 31.24
C TRP B 29 -9.00 5.44 31.53
N THR B 30 -7.88 5.09 30.90
CA THR B 30 -7.24 3.82 31.16
C THR B 30 -5.73 4.02 31.30
N SER B 31 -5.12 3.25 32.21
CA SER B 31 -3.68 3.23 32.38
C SER B 31 -3.00 2.15 31.55
N ARG B 32 -3.76 1.34 30.81
CA ARG B 32 -3.18 0.24 30.06
C ARG B 32 -2.64 0.79 28.75
N TRP B 33 -1.32 0.75 28.58
CA TRP B 33 -0.72 1.40 27.42
C TRP B 33 -1.14 0.76 26.11
N ASN B 34 -1.30 -0.56 26.07
CA ASN B 34 -1.67 -1.13 24.77
C ASN B 34 -3.05 -0.71 24.33
N LEU B 35 -3.88 -0.18 25.24
CA LEU B 35 -5.17 0.35 24.82
C LEU B 35 -5.03 1.67 24.07
N GLN B 36 -3.88 2.34 24.15
CA GLN B 36 -3.75 3.60 23.43
C GLN B 36 -3.87 3.42 21.92
N PRO B 37 -3.05 2.58 21.26
CA PRO B 37 -3.29 2.37 19.81
C PRO B 37 -4.63 1.73 19.50
N LEU B 38 -5.10 0.79 20.33
CA LEU B 38 -6.39 0.15 20.08
C LEU B 38 -7.52 1.17 20.06
N LEU B 39 -7.52 2.08 21.04
CA LEU B 39 -8.58 3.08 21.10
C LEU B 39 -8.45 4.07 19.97
N GLN B 40 -7.23 4.52 19.66
CA GLN B 40 -7.12 5.51 18.59
C GLN B 40 -7.52 4.90 17.26
N SER B 41 -7.20 3.62 17.04
CA SER B 41 -7.65 2.96 15.83
C SER B 41 -9.16 2.90 15.76
N ALA B 42 -9.80 2.50 16.88
CA ALA B 42 -11.27 2.48 16.91
C ALA B 42 -11.83 3.86 16.58
N GLN B 43 -11.22 4.90 17.12
CA GLN B 43 -11.70 6.26 16.87
C GLN B 43 -11.55 6.61 15.39
N LEU B 44 -10.44 6.21 14.77
CA LEU B 44 -10.20 6.61 13.38
C LEU B 44 -11.08 5.83 12.42
N THR B 45 -11.34 4.56 12.71
CA THR B 45 -12.09 3.76 11.74
C THR B 45 -13.58 3.73 12.05
N GLY B 46 -14.02 4.40 13.11
CA GLY B 46 -15.43 4.48 13.39
C GLY B 46 -16.01 3.28 14.10
N MET B 47 -15.21 2.58 14.90
CA MET B 47 -15.73 1.45 15.64
C MET B 47 -16.66 1.91 16.77
N THR B 48 -17.68 1.10 17.04
CA THR B 48 -18.40 1.24 18.29
C THR B 48 -17.58 0.57 19.39
N VAL B 49 -17.28 1.31 20.45
CA VAL B 49 -16.60 0.76 21.61
C VAL B 49 -17.59 0.65 22.76
N THR B 50 -17.45 -0.41 23.54
CA THR B 50 -18.22 -0.61 24.78
C THR B 50 -17.23 -0.63 25.94
N ILE B 51 -17.19 0.48 26.68
CA ILE B 51 -16.41 0.58 27.91
C ILE B 51 -17.12 -0.19 29.00
N LYS B 52 -16.38 -1.10 29.66
CA LYS B 52 -16.95 -1.97 30.68
C LYS B 52 -16.10 -1.86 31.94
N SER B 53 -16.76 -1.95 33.10
CA SER B 53 -16.06 -1.81 34.36
C SER B 53 -17.04 -2.12 35.48
N SER B 54 -16.48 -2.53 36.63
N SER B 54 -16.47 -2.52 36.63
CA SER B 54 -17.33 -2.78 37.80
CA SER B 54 -17.28 -2.78 37.82
C SER B 54 -17.88 -1.50 38.40
C SER B 54 -17.88 -1.50 38.37
N THR B 55 -17.22 -0.37 38.17
CA THR B 55 -17.70 0.94 38.63
C THR B 55 -17.59 1.90 37.46
N CYS B 56 -18.72 2.42 37.02
CA CYS B 56 -18.77 3.26 35.83
C CYS B 56 -18.85 4.75 36.20
N SER B 60 -14.05 7.80 35.45
CA SER B 60 -13.06 7.00 36.15
C SER B 60 -12.34 6.01 35.21
N GLY B 61 -11.66 5.02 35.82
CA GLY B 61 -10.73 4.17 35.09
C GLY B 61 -11.37 2.89 34.56
N PHE B 62 -10.86 2.42 33.44
CA PHE B 62 -11.36 1.18 32.85
C PHE B 62 -10.18 0.40 32.28
N ALA B 63 -10.41 -0.91 32.16
CA ALA B 63 -9.40 -1.78 31.55
C ALA B 63 -10.07 -2.90 30.79
N GLU B 64 -11.35 -2.77 30.47
CA GLU B 64 -12.07 -3.72 29.62
C GLU B 64 -12.85 -2.91 28.59
N VAL B 65 -12.66 -3.24 27.32
CA VAL B 65 -13.42 -2.51 26.29
C VAL B 65 -13.59 -3.39 25.07
N GLN B 66 -14.82 -3.42 24.57
CA GLN B 66 -15.15 -4.19 23.38
C GLN B 66 -15.13 -3.28 22.16
N PHE B 67 -14.65 -3.83 21.04
CA PHE B 67 -14.54 -3.14 19.76
C PHE B 67 -15.40 -3.85 18.73
N ASN B 68 -16.27 -3.09 18.06
CA ASN B 68 -17.12 -3.59 16.98
C ASN B 68 -16.96 -2.68 15.78
N ASN B 69 -16.81 -3.25 14.60
CA ASN B 69 -16.94 -2.42 13.40
C ASN B 69 -18.34 -1.84 13.34
N ASP B 70 -18.47 -0.68 12.72
CA ASP B 70 -19.80 -0.08 12.55
C ASP B 70 -20.74 -0.99 11.75
N ALA C 1 -5.82 -27.87 17.37
CA ALA C 1 -6.80 -27.98 16.29
C ALA C 1 -7.14 -26.61 15.72
N ASP C 2 -7.58 -26.58 14.46
CA ASP C 2 -8.13 -25.37 13.86
C ASP C 2 -9.56 -25.21 14.39
N CYS C 3 -9.75 -24.27 15.31
CA CYS C 3 -11.03 -24.16 16.00
C CYS C 3 -12.05 -23.32 15.27
N ALA C 4 -11.62 -22.23 14.63
CA ALA C 4 -12.56 -21.30 14.03
C ALA C 4 -11.84 -20.56 12.93
N LYS C 5 -12.48 -20.43 11.77
CA LYS C 5 -11.89 -19.70 10.66
C LYS C 5 -12.95 -18.74 10.14
N GLY C 6 -12.60 -17.47 10.07
CA GLY C 6 -13.54 -16.48 9.60
C GLY C 6 -13.10 -15.10 10.06
N LYS C 7 -13.99 -14.14 9.83
CA LYS C 7 -13.71 -12.78 10.24
C LYS C 7 -13.95 -12.61 11.73
N ILE C 8 -13.27 -11.62 12.30
CA ILE C 8 -13.43 -11.29 13.70
C ILE C 8 -14.73 -10.49 13.85
N GLU C 9 -15.66 -11.01 14.64
CA GLU C 9 -16.97 -10.38 14.81
C GLU C 9 -16.97 -9.31 15.86
N PHE C 10 -16.15 -9.46 16.90
CA PHE C 10 -15.82 -8.37 17.80
C PHE C 10 -14.50 -8.72 18.47
N SER C 11 -13.86 -7.70 19.03
CA SER C 11 -12.67 -7.98 19.85
C SER C 11 -12.84 -7.29 21.19
N LYS C 12 -12.07 -7.72 22.18
CA LYS C 12 -12.26 -7.14 23.49
C LYS C 12 -10.95 -7.19 24.24
N TYR C 13 -10.56 -6.04 24.78
CA TYR C 13 -9.44 -5.97 25.72
C TYR C 13 -9.99 -6.27 27.10
N ASN C 14 -9.33 -7.17 27.82
CA ASN C 14 -9.82 -7.70 29.08
C ASN C 14 -9.04 -7.16 30.26
N GLU C 15 -9.68 -7.16 31.42
CA GLU C 15 -9.05 -6.53 32.57
C GLU C 15 -7.78 -7.24 33.00
N ASP C 16 -7.61 -8.54 32.69
CA ASP C 16 -6.37 -9.22 33.00
C ASP C 16 -5.31 -9.03 31.91
N ASP C 17 -5.54 -8.10 30.98
CA ASP C 17 -4.70 -7.77 29.84
C ASP C 17 -4.68 -8.84 28.77
N THR C 18 -5.50 -9.88 28.89
CA THR C 18 -5.70 -10.75 27.75
C THR C 18 -6.62 -10.06 26.74
N PHE C 19 -6.83 -10.72 25.60
CA PHE C 19 -7.50 -10.09 24.48
C PHE C 19 -8.39 -11.13 23.82
N THR C 20 -9.66 -10.80 23.63
CA THR C 20 -10.64 -11.75 23.14
C THR C 20 -11.10 -11.38 21.74
N VAL C 21 -11.25 -12.39 20.88
CA VAL C 21 -11.88 -12.24 19.58
C VAL C 21 -12.99 -13.26 19.44
N LYS C 22 -14.07 -12.86 18.78
CA LYS C 22 -15.15 -13.78 18.44
C LYS C 22 -15.00 -14.13 16.97
N VAL C 23 -14.84 -15.41 16.67
CA VAL C 23 -14.66 -15.92 15.31
C VAL C 23 -15.60 -17.10 15.13
N ASP C 24 -16.33 -17.10 14.02
CA ASP C 24 -17.27 -18.18 13.69
C ASP C 24 -18.19 -18.46 14.89
N GLY C 25 -18.69 -17.40 15.52
CA GLY C 25 -19.64 -17.51 16.60
C GLY C 25 -19.08 -17.92 17.94
N LYS C 26 -17.76 -18.10 18.07
CA LYS C 26 -17.18 -18.53 19.34
C LYS C 26 -16.10 -17.55 19.79
N GLU C 27 -15.99 -17.37 21.10
CA GLU C 27 -15.06 -16.43 21.68
C GLU C 27 -13.79 -17.15 22.11
N TYR C 28 -12.65 -16.52 21.85
CA TYR C 28 -11.34 -17.05 22.22
C TYR C 28 -10.49 -15.93 22.78
N TRP C 29 -9.69 -16.25 23.79
CA TRP C 29 -8.85 -15.26 24.43
C TRP C 29 -7.38 -15.63 24.26
N THR C 30 -6.52 -14.62 24.20
CA THR C 30 -5.09 -14.85 24.12
C THR C 30 -4.36 -13.92 25.10
N SER C 31 -3.31 -14.45 25.72
CA SER C 31 -2.44 -13.62 26.53
C SER C 31 -1.23 -13.13 25.77
N ARG C 32 -1.15 -13.42 24.47
CA ARG C 32 -0.03 -12.94 23.66
C ARG C 32 -0.24 -11.45 23.39
N TRP C 33 0.56 -10.61 24.04
CA TRP C 33 0.44 -9.15 23.92
C TRP C 33 0.51 -8.67 22.48
N ASN C 34 1.44 -9.24 21.70
CA ASN C 34 1.65 -8.77 20.34
C ASN C 34 0.48 -9.05 19.43
N LEU C 35 -0.40 -9.97 19.80
CA LEU C 35 -1.55 -10.23 18.96
C LEU C 35 -2.62 -9.14 19.06
N GLN C 36 -2.57 -8.27 20.07
CA GLN C 36 -3.71 -7.35 20.23
C GLN C 36 -3.87 -6.43 19.02
N PRO C 37 -2.85 -5.65 18.61
CA PRO C 37 -3.07 -4.77 17.45
C PRO C 37 -3.15 -5.54 16.14
N LEU C 38 -2.47 -6.69 16.03
CA LEU C 38 -2.57 -7.50 14.81
C LEU C 38 -3.99 -8.00 14.61
N LEU C 39 -4.63 -8.45 15.68
CA LEU C 39 -6.01 -8.91 15.57
C LEU C 39 -6.95 -7.75 15.33
N GLN C 40 -6.71 -6.59 15.97
CA GLN C 40 -7.64 -5.48 15.72
C GLN C 40 -7.54 -4.98 14.27
N SER C 41 -6.33 -4.94 13.69
CA SER C 41 -6.24 -4.54 12.28
C SER C 41 -6.88 -5.57 11.37
N ALA C 42 -6.68 -6.86 11.66
CA ALA C 42 -7.41 -7.88 10.90
C ALA C 42 -8.91 -7.62 10.97
N GLN C 43 -9.40 -7.33 12.18
CA GLN C 43 -10.81 -7.07 12.38
C GLN C 43 -11.28 -5.91 11.52
N LEU C 44 -10.56 -4.80 11.55
CA LEU C 44 -11.09 -3.61 10.89
C LEU C 44 -11.10 -3.79 9.39
N THR C 45 -10.19 -4.59 8.83
CA THR C 45 -10.18 -4.77 7.38
C THR C 45 -10.94 -6.03 6.92
N GLY C 46 -11.48 -6.81 7.85
CA GLY C 46 -12.23 -7.99 7.47
C GLY C 46 -11.35 -9.16 7.08
N MET C 47 -10.10 -9.15 7.51
CA MET C 47 -9.20 -10.29 7.34
C MET C 47 -9.76 -11.53 8.00
N THR C 48 -9.69 -12.65 7.28
CA THR C 48 -10.04 -13.94 7.84
C THR C 48 -8.89 -14.42 8.73
N VAL C 49 -9.22 -14.93 9.92
CA VAL C 49 -8.21 -15.53 10.76
C VAL C 49 -8.62 -16.96 11.07
N THR C 50 -7.62 -17.80 11.34
CA THR C 50 -7.84 -19.15 11.83
C THR C 50 -7.28 -19.24 13.24
N ILE C 51 -8.16 -19.44 14.21
CA ILE C 51 -7.78 -19.59 15.61
C ILE C 51 -7.38 -21.04 15.83
N LYS C 52 -6.22 -21.28 16.46
CA LYS C 52 -5.77 -22.65 16.68
C LYS C 52 -5.60 -22.87 18.17
N SER C 53 -6.17 -23.95 18.68
CA SER C 53 -6.18 -24.19 20.13
C SER C 53 -6.36 -25.67 20.41
N SER C 54 -5.98 -26.04 21.64
CA SER C 54 -6.22 -27.39 22.16
C SER C 54 -7.70 -27.70 22.29
N THR C 55 -8.51 -26.69 22.60
CA THR C 55 -9.95 -26.84 22.82
C THR C 55 -10.64 -25.76 22.01
N CYS C 56 -11.79 -26.08 21.45
CA CYS C 56 -12.44 -25.16 20.51
C CYS C 56 -13.74 -24.58 21.04
N GLU C 57 -14.18 -24.98 22.23
CA GLU C 57 -15.37 -24.40 22.82
C GLU C 57 -15.19 -22.90 22.99
N SER C 58 -16.29 -22.17 22.82
CA SER C 58 -16.27 -20.77 23.16
C SER C 58 -15.75 -20.59 24.59
N GLY C 59 -14.86 -19.62 24.78
CA GLY C 59 -14.21 -19.42 26.06
C GLY C 59 -12.84 -20.02 26.16
N SER C 60 -12.35 -20.66 25.10
CA SER C 60 -11.04 -21.29 25.08
C SER C 60 -9.93 -20.25 24.84
N GLY C 61 -8.72 -20.61 25.27
CA GLY C 61 -7.57 -19.77 25.03
C GLY C 61 -6.83 -20.17 23.77
N PHE C 62 -6.09 -19.23 23.20
CA PHE C 62 -5.24 -19.57 22.08
C PHE C 62 -3.94 -18.80 22.19
N ALA C 63 -2.91 -19.38 21.60
CA ALA C 63 -1.60 -18.75 21.51
C ALA C 63 -1.10 -18.81 20.07
N GLU C 64 -1.93 -19.24 19.14
CA GLU C 64 -1.52 -19.45 17.75
C GLU C 64 -2.67 -19.03 16.85
N VAL C 65 -2.37 -18.23 15.83
CA VAL C 65 -3.42 -17.76 14.93
C VAL C 65 -2.83 -17.49 13.56
N GLN C 66 -3.56 -17.87 12.52
CA GLN C 66 -3.14 -17.63 11.15
C GLN C 66 -3.97 -16.50 10.55
N PHE C 67 -3.29 -15.55 9.90
CA PHE C 67 -3.92 -14.43 9.19
C PHE C 67 -3.92 -14.78 7.72
N ASN C 68 -5.13 -14.96 7.16
CA ASN C 68 -5.33 -15.42 5.79
C ASN C 68 -5.73 -14.27 4.87
N ASN C 69 -5.60 -14.50 3.57
CA ASN C 69 -5.94 -13.50 2.57
C ASN C 69 -7.27 -13.75 1.89
N ASP C 70 -8.07 -14.72 2.37
CA ASP C 70 -9.37 -15.01 1.75
C ASP C 70 -10.27 -13.77 1.76
N ALA D 1 21.43 -16.10 1.28
CA ALA D 1 20.81 -16.34 -0.02
C ALA D 1 19.46 -15.64 -0.12
N ASP D 2 19.09 -15.19 -1.31
CA ASP D 2 17.74 -14.69 -1.53
C ASP D 2 16.82 -15.90 -1.62
N CYS D 3 16.03 -16.12 -0.56
CA CYS D 3 15.21 -17.31 -0.47
C CYS D 3 13.89 -17.14 -1.18
N ALA D 4 13.25 -15.99 -1.00
CA ALA D 4 11.93 -15.84 -1.62
C ALA D 4 11.67 -14.36 -1.84
N LYS D 5 10.95 -14.06 -2.92
CA LYS D 5 10.58 -12.67 -3.16
C LYS D 5 9.16 -12.70 -3.70
N GLY D 6 8.23 -12.15 -2.93
CA GLY D 6 6.84 -12.20 -3.34
C GLY D 6 5.97 -11.60 -2.25
N LYS D 7 4.67 -11.65 -2.49
CA LYS D 7 3.69 -11.20 -1.52
C LYS D 7 3.51 -12.24 -0.42
N ILE D 8 3.09 -11.78 0.75
CA ILE D 8 2.86 -12.68 1.87
C ILE D 8 1.51 -13.33 1.67
N GLU D 9 1.51 -14.65 1.50
CA GLU D 9 0.31 -15.43 1.24
C GLU D 9 -0.48 -15.68 2.51
N PHE D 10 0.20 -15.88 3.62
CA PHE D 10 -0.42 -15.87 4.93
C PHE D 10 0.64 -15.58 5.97
N SER D 11 0.20 -15.15 7.14
CA SER D 11 1.13 -15.04 8.26
C SER D 11 0.55 -15.81 9.44
N LYS D 12 1.41 -16.17 10.38
CA LYS D 12 0.96 -16.94 11.53
C LYS D 12 1.77 -16.57 12.76
N TYR D 13 1.07 -16.33 13.86
CA TYR D 13 1.71 -16.17 15.16
C TYR D 13 1.78 -17.55 15.79
N ASN D 14 3.01 -17.98 16.12
CA ASN D 14 3.31 -19.34 16.55
C ASN D 14 3.32 -19.44 18.06
N GLU D 15 3.15 -20.67 18.54
CA GLU D 15 3.07 -20.90 20.00
C GLU D 15 4.37 -20.50 20.71
N ASP D 16 5.51 -20.58 20.03
CA ASP D 16 6.77 -20.14 20.63
C ASP D 16 7.03 -18.65 20.45
N ASP D 17 6.03 -17.90 20.02
CA ASP D 17 6.06 -16.45 19.82
C ASP D 17 6.86 -16.02 18.59
N THR D 18 7.39 -16.95 17.80
CA THR D 18 7.91 -16.52 16.51
C THR D 18 6.77 -16.28 15.53
N PHE D 19 7.12 -15.76 14.36
CA PHE D 19 6.13 -15.29 13.39
C PHE D 19 6.49 -15.86 12.05
N THR D 20 5.54 -16.51 11.38
CA THR D 20 5.79 -17.19 10.13
C THR D 20 5.08 -16.46 9.01
N VAL D 21 5.75 -16.34 7.86
CA VAL D 21 5.09 -15.86 6.65
C VAL D 21 5.29 -16.90 5.55
N LYS D 22 4.30 -17.01 4.67
CA LYS D 22 4.45 -17.83 3.49
C LYS D 22 4.68 -16.92 2.29
N VAL D 23 5.80 -17.11 1.61
CA VAL D 23 6.20 -16.29 0.48
C VAL D 23 6.67 -17.23 -0.62
N ASP D 24 6.17 -17.01 -1.83
CA ASP D 24 6.53 -17.82 -3.00
C ASP D 24 6.43 -19.31 -2.70
N GLY D 25 5.38 -19.70 -2.00
CA GLY D 25 5.10 -21.10 -1.77
C GLY D 25 5.87 -21.75 -0.64
N LYS D 26 6.73 -21.02 0.06
CA LYS D 26 7.50 -21.58 1.16
C LYS D 26 7.29 -20.77 2.44
N GLU D 27 7.37 -21.47 3.57
CA GLU D 27 7.15 -20.86 4.87
C GLU D 27 8.48 -20.52 5.54
N TYR D 28 8.52 -19.36 6.16
CA TYR D 28 9.73 -18.89 6.84
C TYR D 28 9.33 -18.28 8.16
N TRP D 29 10.12 -18.52 9.20
CA TRP D 29 9.77 -18.01 10.52
C TRP D 29 10.84 -17.03 10.99
N THR D 30 10.44 -16.09 11.82
CA THR D 30 11.38 -15.16 12.42
C THR D 30 11.05 -14.97 13.90
N SER D 31 12.09 -14.96 14.73
CA SER D 31 11.95 -14.60 16.13
C SER D 31 12.12 -13.11 16.38
N ARG D 32 12.43 -12.32 15.35
CA ARG D 32 12.72 -10.90 15.54
C ARG D 32 11.44 -10.17 15.89
N TRP D 33 11.35 -9.68 17.13
CA TRP D 33 10.10 -9.08 17.58
C TRP D 33 9.72 -7.85 16.77
N ASN D 34 10.71 -7.08 16.30
CA ASN D 34 10.40 -5.86 15.56
C ASN D 34 9.66 -6.16 14.27
N LEU D 35 9.81 -7.36 13.72
CA LEU D 35 9.27 -7.63 12.38
C LEU D 35 7.79 -7.95 12.37
N GLN D 36 7.18 -8.29 13.50
CA GLN D 36 5.79 -8.76 13.45
C GLN D 36 4.83 -7.73 12.85
N PRO D 37 4.73 -6.50 13.37
CA PRO D 37 3.83 -5.53 12.71
C PRO D 37 4.25 -5.22 11.30
N LEU D 38 5.56 -5.15 11.03
CA LEU D 38 6.02 -4.81 9.70
C LEU D 38 5.60 -5.85 8.68
N LEU D 39 5.70 -7.13 9.06
CA LEU D 39 5.30 -8.19 8.16
C LEU D 39 3.79 -8.19 7.98
N GLN D 40 3.02 -7.97 9.05
CA GLN D 40 1.58 -7.90 8.83
C GLN D 40 1.22 -6.71 7.93
N SER D 41 1.88 -5.57 8.10
CA SER D 41 1.60 -4.43 7.22
C SER D 41 1.92 -4.75 5.77
N ALA D 42 3.02 -5.47 5.54
CA ALA D 42 3.34 -5.93 4.19
C ALA D 42 2.25 -6.83 3.63
N GLN D 43 1.76 -7.76 4.45
CA GLN D 43 0.68 -8.64 4.00
C GLN D 43 -0.57 -7.86 3.65
N LEU D 44 -0.91 -6.88 4.50
CA LEU D 44 -2.12 -6.10 4.33
C LEU D 44 -2.07 -5.28 3.05
N THR D 45 -0.90 -4.75 2.69
CA THR D 45 -0.80 -3.92 1.51
C THR D 45 -0.25 -4.66 0.30
N GLY D 46 -0.10 -5.98 0.40
CA GLY D 46 0.41 -6.75 -0.73
C GLY D 46 1.81 -6.37 -1.15
N MET D 47 2.62 -5.89 -0.21
CA MET D 47 4.00 -5.53 -0.50
C MET D 47 4.80 -6.72 -0.99
N THR D 48 5.75 -6.48 -1.90
CA THR D 48 6.66 -7.56 -2.25
C THR D 48 7.77 -7.59 -1.20
N VAL D 49 7.94 -8.72 -0.52
CA VAL D 49 9.01 -8.85 0.46
C VAL D 49 10.03 -9.83 -0.08
N THR D 50 11.29 -9.57 0.28
CA THR D 50 12.43 -10.42 -0.06
C THR D 50 12.95 -11.00 1.24
N ILE D 51 12.78 -12.31 1.39
CA ILE D 51 13.27 -13.08 2.53
C ILE D 51 14.68 -13.55 2.18
N LYS D 52 15.65 -13.21 3.05
CA LYS D 52 17.02 -13.65 2.86
C LYS D 52 17.44 -14.49 4.07
N SER D 53 18.08 -15.62 3.82
CA SER D 53 18.53 -16.47 4.91
C SER D 53 19.63 -17.39 4.41
N SER D 54 20.35 -17.97 5.37
CA SER D 54 21.44 -18.90 5.04
C SER D 54 20.92 -20.22 4.48
N THR D 55 19.67 -20.60 4.80
CA THR D 55 19.01 -21.75 4.19
C THR D 55 17.64 -21.32 3.70
N CYS D 56 17.20 -21.86 2.57
CA CYS D 56 15.97 -21.37 1.96
C CYS D 56 14.88 -22.42 1.89
N GLU D 57 15.14 -23.63 2.38
CA GLU D 57 14.10 -24.65 2.46
C GLU D 57 12.94 -24.13 3.28
N SER D 58 11.72 -24.50 2.87
CA SER D 58 10.55 -24.18 3.67
C SER D 58 10.76 -24.64 5.10
N GLY D 59 10.42 -23.77 6.04
CA GLY D 59 10.67 -24.04 7.45
C GLY D 59 11.97 -23.45 7.97
N SER D 60 12.72 -22.73 7.13
CA SER D 60 13.90 -22.03 7.57
C SER D 60 13.54 -20.77 8.35
N GLY D 61 14.47 -20.35 9.20
CA GLY D 61 14.32 -19.10 9.89
C GLY D 61 14.97 -17.95 9.16
N PHE D 62 14.57 -16.74 9.50
CA PHE D 62 15.19 -15.57 8.88
C PHE D 62 15.18 -14.41 9.86
N ALA D 63 16.09 -13.49 9.62
CA ALA D 63 16.10 -12.23 10.34
C ALA D 63 16.20 -11.06 9.39
N GLU D 64 16.44 -11.30 8.10
CA GLU D 64 16.68 -10.26 7.11
C GLU D 64 15.53 -10.27 6.11
N VAL D 65 14.90 -9.11 5.94
CA VAL D 65 13.78 -9.01 5.01
C VAL D 65 13.73 -7.59 4.44
N GLN D 66 13.52 -7.52 3.13
CA GLN D 66 13.36 -6.25 2.43
C GLN D 66 11.88 -6.05 2.06
N PHE D 67 11.40 -4.82 2.24
CA PHE D 67 10.04 -4.42 1.94
C PHE D 67 10.09 -3.50 0.72
N ASN D 68 9.52 -3.98 -0.39
CA ASN D 68 9.53 -3.29 -1.67
C ASN D 68 8.12 -2.84 -2.03
N ASN D 69 8.08 -1.74 -2.81
CA ASN D 69 6.86 -1.14 -3.33
C ASN D 69 6.45 -1.74 -4.67
N ASP D 70 7.35 -2.47 -5.34
CA ASP D 70 7.00 -3.04 -6.65
C ASP D 70 6.72 -4.53 -6.58
N ALA E 1 21.97 18.42 8.89
CA ALA E 1 21.93 18.58 7.44
C ALA E 1 20.88 17.66 6.85
N ASP E 2 20.25 18.09 5.76
CA ASP E 2 19.25 17.30 5.07
C ASP E 2 19.96 16.39 4.07
N CYS E 3 20.06 15.10 4.41
CA CYS E 3 20.77 14.11 3.60
C CYS E 3 19.97 13.67 2.38
N ALA E 4 18.66 13.50 2.53
CA ALA E 4 17.83 13.00 1.44
C ALA E 4 16.39 13.38 1.73
N LYS E 5 15.65 13.71 0.68
CA LYS E 5 14.22 14.00 0.81
C LYS E 5 13.48 13.30 -0.30
N GLY E 6 12.41 12.60 0.05
CA GLY E 6 11.62 11.91 -0.95
C GLY E 6 10.78 10.82 -0.30
N LYS E 7 10.07 10.11 -1.15
CA LYS E 7 9.35 8.93 -0.68
C LYS E 7 10.34 7.80 -0.45
N ILE E 8 9.97 6.87 0.42
CA ILE E 8 10.84 5.73 0.71
C ILE E 8 10.70 4.71 -0.42
N GLU E 9 11.81 4.40 -1.08
CA GLU E 9 11.79 3.46 -2.19
C GLU E 9 11.73 2.01 -1.71
N PHE E 10 12.53 1.67 -0.70
CA PHE E 10 12.38 0.39 -0.04
C PHE E 10 12.88 0.54 1.39
N SER E 11 12.51 -0.44 2.22
CA SER E 11 13.09 -0.52 3.56
C SER E 11 13.57 -1.96 3.76
N LYS E 12 14.47 -2.14 4.72
CA LYS E 12 15.04 -3.47 4.89
C LYS E 12 15.57 -3.60 6.30
N TYR E 13 15.21 -4.70 6.96
CA TYR E 13 15.81 -5.03 8.24
C TYR E 13 16.89 -6.08 8.01
N ASN E 14 18.06 -5.85 8.60
CA ASN E 14 19.24 -6.66 8.39
C ASN E 14 19.52 -7.54 9.59
N GLU E 15 20.23 -8.66 9.36
CA GLU E 15 20.54 -9.58 10.44
C GLU E 15 21.27 -8.91 11.59
N ASP E 16 22.04 -7.86 11.28
CA ASP E 16 22.83 -7.12 12.26
C ASP E 16 22.04 -6.03 12.99
N ASP E 17 20.71 -6.11 12.96
CA ASP E 17 19.84 -5.19 13.71
C ASP E 17 20.02 -3.73 13.28
N THR E 18 20.13 -3.52 11.96
CA THR E 18 20.02 -2.20 11.37
C THR E 18 18.81 -2.20 10.43
N PHE E 19 18.26 -1.02 10.20
CA PHE E 19 17.06 -0.85 9.37
C PHE E 19 17.41 0.18 8.31
N THR E 20 17.50 -0.27 7.06
CA THR E 20 17.89 0.56 5.94
C THR E 20 16.67 1.12 5.24
N VAL E 21 16.74 2.39 4.86
CA VAL E 21 15.77 2.94 3.92
C VAL E 21 16.54 3.56 2.78
N LYS E 22 15.92 3.55 1.61
CA LYS E 22 16.45 4.21 0.43
C LYS E 22 15.53 5.38 0.10
N VAL E 23 16.12 6.56 0.01
CA VAL E 23 15.36 7.78 -0.24
C VAL E 23 16.15 8.58 -1.26
N ASP E 24 15.50 8.93 -2.37
CA ASP E 24 16.13 9.76 -3.40
C ASP E 24 17.46 9.14 -3.86
N GLY E 25 17.42 7.85 -4.09
CA GLY E 25 18.59 7.12 -4.58
C GLY E 25 19.68 6.86 -3.57
N LYS E 26 19.52 7.25 -2.31
CA LYS E 26 20.58 7.07 -1.32
C LYS E 26 20.10 6.18 -0.18
N GLU E 27 20.99 5.31 0.31
CA GLU E 27 20.62 4.40 1.39
C GLU E 27 21.20 4.87 2.72
N TYR E 28 20.38 4.81 3.76
CA TYR E 28 20.77 5.16 5.13
C TYR E 28 20.17 4.13 6.07
N TRP E 29 20.74 4.02 7.26
CA TRP E 29 20.27 3.00 8.20
C TRP E 29 20.10 3.60 9.58
N THR E 30 19.23 2.99 10.36
CA THR E 30 19.03 3.37 11.76
C THR E 30 18.82 2.11 12.58
N SER E 31 19.28 2.16 13.82
CA SER E 31 19.05 1.04 14.72
C SER E 31 18.03 1.41 15.79
N ARG E 32 17.42 2.59 15.67
CA ARG E 32 16.30 2.97 16.54
C ARG E 32 15.07 2.16 16.15
N TRP E 33 14.65 1.24 17.01
CA TRP E 33 13.44 0.49 16.69
C TRP E 33 12.23 1.41 16.64
N ASN E 34 12.25 2.52 17.41
CA ASN E 34 11.16 3.49 17.31
C ASN E 34 10.91 3.86 15.87
N LEU E 35 11.98 3.94 15.07
CA LEU E 35 11.82 4.43 13.71
C LEU E 35 11.31 3.36 12.75
N GLN E 36 11.33 2.07 13.12
CA GLN E 36 10.88 1.08 12.14
C GLN E 36 9.41 1.22 11.77
N PRO E 37 8.46 1.25 12.70
CA PRO E 37 7.07 1.43 12.28
C PRO E 37 6.81 2.80 11.68
N LEU E 38 7.48 3.83 12.20
CA LEU E 38 7.32 5.17 11.64
C LEU E 38 7.75 5.22 10.19
N LEU E 39 8.92 4.65 9.89
CA LEU E 39 9.44 4.65 8.53
C LEU E 39 8.62 3.76 7.62
N GLN E 40 8.22 2.57 8.11
CA GLN E 40 7.45 1.70 7.23
C GLN E 40 6.08 2.28 6.93
N SER E 41 5.43 2.89 7.93
CA SER E 41 4.18 3.57 7.67
C SER E 41 4.39 4.69 6.66
N ALA E 42 5.47 5.47 6.81
CA ALA E 42 5.78 6.50 5.82
C ALA E 42 5.92 5.89 4.43
N GLN E 43 6.58 4.74 4.34
CA GLN E 43 6.77 4.07 3.05
C GLN E 43 5.44 3.66 2.44
N LEU E 44 4.59 3.00 3.22
CA LEU E 44 3.38 2.44 2.63
C LEU E 44 2.31 3.49 2.38
N THR E 45 2.40 4.66 3.01
CA THR E 45 1.46 5.74 2.78
C THR E 45 2.00 6.82 1.85
N GLY E 46 3.26 6.69 1.42
CA GLY E 46 3.80 7.66 0.50
C GLY E 46 4.13 9.00 1.11
N MET E 47 4.43 9.04 2.40
CA MET E 47 4.91 10.33 2.90
C MET E 47 6.29 10.68 2.37
N THR E 48 6.54 11.98 2.32
CA THR E 48 7.85 12.51 2.03
C THR E 48 8.65 12.53 3.31
N VAL E 49 9.77 11.85 3.32
CA VAL E 49 10.62 11.86 4.50
C VAL E 49 11.87 12.67 4.18
N THR E 50 12.38 13.35 5.19
CA THR E 50 13.64 14.07 5.11
C THR E 50 14.59 13.43 6.12
N ILE E 51 15.56 12.67 5.62
CA ILE E 51 16.60 12.11 6.48
C ILE E 51 17.56 13.22 6.87
N LYS E 52 17.85 13.33 8.17
CA LYS E 52 18.72 14.40 8.65
C LYS E 52 19.84 13.79 9.48
N SER E 53 21.05 14.31 9.29
CA SER E 53 22.21 13.81 10.02
C SER E 53 23.24 14.92 10.05
N SER E 54 24.13 14.84 11.04
CA SER E 54 25.26 15.77 11.08
C SER E 54 26.11 15.63 9.82
N THR E 55 26.45 14.40 9.47
CA THR E 55 27.17 14.09 8.23
C THR E 55 26.29 13.18 7.38
N CYS E 56 26.18 13.50 6.09
CA CYS E 56 25.27 12.83 5.19
C CYS E 56 25.97 11.83 4.26
N GLU E 57 27.05 11.20 4.74
CA GLU E 57 27.76 10.23 3.93
C GLU E 57 26.82 9.11 3.48
N SER E 58 27.11 8.54 2.32
CA SER E 58 26.35 7.39 1.86
C SER E 58 26.53 6.22 2.83
N GLY E 59 25.44 5.48 3.05
CA GLY E 59 25.47 4.33 3.94
C GLY E 59 25.67 4.64 5.41
N SER E 60 25.49 5.89 5.80
CA SER E 60 25.70 6.27 7.19
C SER E 60 24.41 6.13 7.99
N GLY E 61 24.56 6.20 9.31
CA GLY E 61 23.43 6.05 10.18
C GLY E 61 22.68 7.35 10.36
N PHE E 62 21.45 7.22 10.84
CA PHE E 62 20.66 8.42 11.12
C PHE E 62 19.71 8.13 12.26
N ALA E 63 19.33 9.21 12.94
CA ALA E 63 18.30 9.09 13.97
C ALA E 63 17.44 10.34 14.02
N GLU E 64 17.45 11.15 12.96
CA GLU E 64 16.56 12.30 12.82
C GLU E 64 15.90 12.21 11.46
N VAL E 65 14.58 12.29 11.42
CA VAL E 65 13.87 12.23 10.14
C VAL E 65 12.55 12.96 10.27
N GLN E 66 12.29 13.82 9.30
CA GLN E 66 11.03 14.55 9.22
C GLN E 66 10.06 13.79 8.31
N PHE E 67 8.79 13.82 8.68
CA PHE E 67 7.68 13.18 7.97
C PHE E 67 6.70 14.25 7.54
N ASN E 68 6.38 14.29 6.24
CA ASN E 68 5.39 15.19 5.65
C ASN E 68 4.42 14.38 4.80
N ASN E 69 3.14 14.73 4.85
CA ASN E 69 2.18 14.05 3.98
C ASN E 69 2.49 14.32 2.52
N ASP E 70 2.99 15.51 2.19
CA ASP E 70 3.40 15.78 0.81
C ASP E 70 4.48 16.87 0.75
N ALA F 1 -2.74 24.57 29.63
CA ALA F 1 -3.29 25.45 28.60
C ALA F 1 -3.33 24.79 27.24
N ASP F 2 -4.26 25.21 26.39
CA ASP F 2 -4.32 24.73 25.00
C ASP F 2 -3.31 25.53 24.18
N CYS F 3 -2.16 24.93 23.89
CA CYS F 3 -1.09 25.66 23.23
C CYS F 3 -1.32 25.84 21.74
N ALA F 4 -1.93 24.86 21.09
CA ALA F 4 -2.06 24.87 19.65
C ALA F 4 -3.11 23.85 19.27
N LYS F 5 -3.93 24.19 18.29
CA LYS F 5 -4.98 23.30 17.83
C LYS F 5 -4.99 23.32 16.31
N GLY F 6 -4.99 22.15 15.71
CA GLY F 6 -5.03 22.08 14.26
C GLY F 6 -4.45 20.76 13.79
N LYS F 7 -4.27 20.68 12.48
CA LYS F 7 -3.66 19.47 11.93
C LYS F 7 -2.15 19.53 12.04
N ILE F 8 -1.53 18.35 12.07
CA ILE F 8 -0.08 18.24 12.16
C ILE F 8 0.49 18.56 10.78
N GLU F 9 1.29 19.63 10.70
CA GLU F 9 1.90 20.09 9.46
C GLU F 9 3.09 19.25 9.08
N PHE F 10 3.92 18.88 10.07
CA PHE F 10 4.93 17.87 9.88
C PHE F 10 5.22 17.24 11.23
N SER F 11 5.85 16.07 11.20
CA SER F 11 6.34 15.48 12.43
C SER F 11 7.80 15.15 12.22
N LYS F 12 8.52 14.93 13.31
CA LYS F 12 9.96 14.71 13.16
C LYS F 12 10.48 13.91 14.33
N TYR F 13 11.12 12.79 14.03
CA TYR F 13 11.87 12.02 15.02
C TYR F 13 13.23 12.66 15.21
N ASN F 14 13.62 12.87 16.46
CA ASN F 14 14.84 13.59 16.83
C ASN F 14 15.88 12.65 17.41
N GLU F 15 17.15 13.07 17.34
CA GLU F 15 18.25 12.18 17.66
C GLU F 15 18.27 11.79 19.13
N ASP F 16 17.64 12.57 19.99
CA ASP F 16 17.52 12.22 21.41
C ASP F 16 16.27 11.38 21.68
N ASP F 17 15.66 10.84 20.63
CA ASP F 17 14.45 10.01 20.71
C ASP F 17 13.25 10.78 21.21
N THR F 18 13.28 12.11 21.13
CA THR F 18 12.06 12.88 21.29
C THR F 18 11.41 13.01 19.92
N PHE F 19 10.23 13.63 19.89
CA PHE F 19 9.40 13.62 18.69
C PHE F 19 8.72 14.97 18.58
N THR F 20 8.91 15.65 17.45
CA THR F 20 8.40 17.00 17.25
C THR F 20 7.20 16.99 16.32
N VAL F 21 6.19 17.81 16.65
CA VAL F 21 5.11 18.08 15.70
C VAL F 21 4.96 19.59 15.57
N LYS F 22 4.57 20.02 14.37
CA LYS F 22 4.24 21.41 14.08
C LYS F 22 2.74 21.51 13.94
N VAL F 23 2.11 22.33 14.78
CA VAL F 23 0.65 22.50 14.78
C VAL F 23 0.36 23.99 14.83
N ASP F 24 -0.47 24.45 13.90
CA ASP F 24 -0.87 25.86 13.83
C ASP F 24 0.36 26.77 13.89
N GLY F 25 1.39 26.40 13.13
CA GLY F 25 2.59 27.20 13.00
C GLY F 25 3.57 27.12 14.13
N LYS F 26 3.31 26.33 15.17
CA LYS F 26 4.23 26.25 16.30
C LYS F 26 4.71 24.81 16.48
N GLU F 27 5.95 24.68 16.94
CA GLU F 27 6.56 23.36 17.10
C GLU F 27 6.62 22.99 18.57
N TYR F 28 6.32 21.72 18.84
CA TYR F 28 6.38 21.19 20.20
C TYR F 28 6.98 19.82 20.12
N TRP F 29 7.65 19.41 21.19
CA TRP F 29 8.31 18.11 21.22
C TRP F 29 7.84 17.34 22.44
N THR F 30 7.82 16.01 22.32
CA THR F 30 7.48 15.16 23.44
C THR F 30 8.53 14.07 23.58
N SER F 31 8.84 13.73 24.83
CA SER F 31 9.68 12.58 25.13
C SER F 31 8.87 11.32 25.40
N ARG F 32 7.54 11.37 25.25
CA ARG F 32 6.73 10.18 25.48
C ARG F 32 6.74 9.34 24.22
N TRP F 33 7.45 8.20 24.26
CA TRP F 33 7.60 7.41 23.04
C TRP F 33 6.27 6.93 22.52
N ASN F 34 5.33 6.63 23.43
CA ASN F 34 4.02 6.14 23.03
C ASN F 34 3.32 7.09 22.08
N LEU F 35 3.63 8.39 22.17
CA LEU F 35 2.97 9.35 21.32
C LEU F 35 3.46 9.31 19.87
N GLN F 36 4.63 8.72 19.60
CA GLN F 36 5.17 8.82 18.24
C GLN F 36 4.24 8.20 17.20
N PRO F 37 3.85 6.93 17.30
CA PRO F 37 2.95 6.38 16.25
C PRO F 37 1.56 6.96 16.32
N LEU F 38 1.09 7.37 17.51
CA LEU F 38 -0.25 7.96 17.59
C LEU F 38 -0.30 9.29 16.86
N LEU F 39 0.77 10.08 17.01
CA LEU F 39 0.81 11.35 16.30
C LEU F 39 1.00 11.12 14.81
N GLN F 40 1.76 10.10 14.43
CA GLN F 40 1.85 9.81 13.00
C GLN F 40 0.51 9.40 12.42
N SER F 41 -0.25 8.55 13.12
CA SER F 41 -1.59 8.19 12.65
C SER F 41 -2.47 9.44 12.52
N ALA F 42 -2.41 10.31 13.52
CA ALA F 42 -3.19 11.54 13.48
C ALA F 42 -2.81 12.40 12.28
N GLN F 43 -1.50 12.52 12.02
CA GLN F 43 -1.01 13.32 10.91
C GLN F 43 -1.46 12.74 9.58
N LEU F 44 -1.31 11.43 9.42
CA LEU F 44 -1.71 10.74 8.20
C LEU F 44 -3.19 10.93 7.92
N THR F 45 -4.04 10.89 8.95
CA THR F 45 -5.48 10.91 8.79
C THR F 45 -6.09 12.30 8.93
N GLY F 46 -5.30 13.35 9.14
CA GLY F 46 -5.88 14.70 9.19
C GLY F 46 -6.65 14.96 10.46
N MET F 47 -6.25 14.30 11.53
CA MET F 47 -6.85 14.50 12.84
C MET F 47 -6.54 15.91 13.29
N THR F 48 -7.48 16.54 13.99
CA THR F 48 -7.23 17.82 14.65
C THR F 48 -6.68 17.53 16.04
N VAL F 49 -5.46 17.96 16.31
CA VAL F 49 -4.86 17.71 17.61
C VAL F 49 -4.80 19.02 18.39
N THR F 50 -4.92 18.89 19.70
CA THR F 50 -4.79 20.00 20.63
C THR F 50 -3.62 19.70 21.55
N ILE F 51 -2.54 20.44 21.38
CA ILE F 51 -1.36 20.34 22.23
C ILE F 51 -1.66 21.04 23.55
N LYS F 52 -1.43 20.36 24.66
CA LYS F 52 -1.71 20.93 25.98
C LYS F 52 -0.45 20.89 26.81
N SER F 53 -0.11 22.03 27.41
CA SER F 53 1.11 22.17 28.22
C SER F 53 0.96 23.39 29.12
N SER F 54 1.76 23.42 30.19
CA SER F 54 1.86 24.63 30.98
C SER F 54 2.81 25.65 30.38
N THR F 55 3.64 25.23 29.42
CA THR F 55 4.49 26.13 28.64
C THR F 55 4.08 26.00 27.17
N CYS F 56 3.61 27.09 26.58
CA CYS F 56 3.10 27.05 25.21
C CYS F 56 3.99 27.78 24.21
N GLU F 57 5.19 28.21 24.62
CA GLU F 57 6.13 28.79 23.68
C GLU F 57 6.56 27.75 22.65
N SER F 58 6.60 28.15 21.37
CA SER F 58 7.09 27.27 20.32
C SER F 58 8.46 26.73 20.68
N GLY F 59 8.71 25.46 20.35
CA GLY F 59 9.92 24.80 20.77
C GLY F 59 9.85 24.17 22.15
N SER F 60 8.70 24.27 22.83
CA SER F 60 8.53 23.75 24.17
C SER F 60 8.13 22.27 24.14
N GLY F 61 8.18 21.66 25.32
CA GLY F 61 7.80 20.27 25.44
C GLY F 61 6.32 20.11 25.74
N PHE F 62 5.80 18.91 25.46
CA PHE F 62 4.44 18.59 25.85
C PHE F 62 4.34 17.11 26.14
N ALA F 63 3.33 16.76 26.91
CA ALA F 63 3.02 15.36 27.17
C ALA F 63 1.53 15.13 27.28
N GLU F 64 0.70 16.11 26.90
CA GLU F 64 -0.75 15.95 26.85
C GLU F 64 -1.23 16.41 25.49
N VAL F 65 -2.01 15.57 24.81
CA VAL F 65 -2.52 15.97 23.51
C VAL F 65 -3.85 15.27 23.25
N GLN F 66 -4.81 16.06 22.77
CA GLN F 66 -6.13 15.55 22.42
C GLN F 66 -6.19 15.30 20.92
N PHE F 67 -6.90 14.23 20.54
CA PHE F 67 -7.11 13.84 19.16
C PHE F 67 -8.59 13.93 18.85
N ASN F 68 -8.93 14.71 17.82
CA ASN F 68 -10.30 14.84 17.34
C ASN F 68 -10.36 14.50 15.86
N ASN F 69 -11.45 13.89 15.45
CA ASN F 69 -11.80 13.81 14.03
C ASN F 69 -12.53 15.08 13.62
N ASP F 70 -12.83 15.18 12.33
CA ASP F 70 -13.60 16.30 11.78
C ASP F 70 -14.93 16.42 12.52
N ARG G 1 1.44 -12.18 -6.27
CA ARG G 1 1.83 -12.23 -7.67
C ARG G 1 2.22 -10.85 -8.18
N ARG G 2 3.37 -10.76 -8.84
CA ARG G 2 3.95 -9.47 -9.16
C ARG G 2 3.35 -8.90 -10.45
N ARG G 3 3.39 -7.58 -10.55
CA ARG G 3 2.63 -6.89 -11.59
C ARG G 3 3.06 -7.36 -12.97
N ARG G 4 2.09 -7.77 -13.77
CA ARG G 4 2.30 -8.24 -15.12
C ARG G 4 2.16 -7.08 -16.10
N ALA G 5 2.92 -7.17 -17.20
CA ALA G 5 2.83 -6.16 -18.25
C ALA G 5 1.90 -6.64 -19.37
#